data_4XU1
#
_entry.id   4XU1
#
_cell.length_a   63.219
_cell.length_b   71.38
_cell.length_c   113.702
_cell.angle_alpha   90.0
_cell.angle_beta   90.0
_cell.angle_gamma   90.0
#
_symmetry.space_group_name_H-M   'P 21 21 21'
#
loop_
_entity.id
_entity.type
_entity.pdbx_description
1 polymer 'Bifunctional ligase/repressor BirA'
2 non-polymer '[(2S,6R)-6-(6-amino-9H-purin-9-yl)morpholin-2-yl]methyl {5-[(3aS,4S,6aR)-2-oxohexahydro-1H-thieno[3,4-d]imidazol-4-yl]pentanoyl}sulfamate'
3 non-polymer 1,2-ETHANEDIOL
4 non-polymer 'DIMETHYL SULFOXIDE'
5 water water
#
_entity_poly.entity_id   1
_entity_poly.type   'polypeptide(L)'
_entity_poly.pdbx_seq_one_letter_code
;GSHMVTDRDRLRPPLDERSLRDQLIGAGSGWRQLDVVAQTGSTNADLLARAASGADIDGVVLIAEHQTAGRGRHGRGWAA
TARAQIILSVGVRVVDVPVQAWGWLSLAAGLAVLDSVAPLIAVPPAETGLKWPNDVLARGGKLAGILAEVAQPFVVLGVG
LNVTQAPEEVDPDATSLLDLGVAAPDRNRIASRLLRELEARIIQWRNANPQLAADYRARSLTIGSRVRVELPGGQDVVGI
ARDIDDQGRLCLDVGGRTVVVSAGDVVHLR
;
_entity_poly.pdbx_strand_id   A,B
#
loop_
_chem_comp.id
_chem_comp.type
_chem_comp.name
_chem_comp.formula
44O non-polymer '[(2S,6R)-6-(6-amino-9H-purin-9-yl)morpholin-2-yl]methyl {5-[(3aS,4S,6aR)-2-oxohexahydro-1H-thieno[3,4-d]imidazol-4-yl]pentanoyl}sulfamate' 'C20 H29 N9 O6 S2'
DMS non-polymer 'DIMETHYL SULFOXIDE' 'C2 H6 O S'
EDO non-polymer 1,2-ETHANEDIOL 'C2 H6 O2'
#
# COMPACT_ATOMS: atom_id res chain seq x y z
N ASP A 7 -33.45 14.46 32.43
CA ASP A 7 -32.02 14.49 32.26
C ASP A 7 -31.50 13.05 32.25
N ARG A 8 -30.40 12.83 31.54
CA ARG A 8 -29.93 11.48 31.24
C ARG A 8 -29.36 10.72 32.42
N ASP A 9 -29.09 11.39 33.53
CA ASP A 9 -28.44 10.71 34.65
C ASP A 9 -29.37 9.74 35.34
N ARG A 10 -30.66 9.90 35.10
CA ARG A 10 -31.64 9.00 35.69
C ARG A 10 -31.74 7.72 34.86
N LEU A 11 -31.01 7.70 33.75
CA LEU A 11 -30.98 6.54 32.88
C LEU A 11 -29.61 5.85 32.91
N ARG A 12 -28.85 6.13 33.96
CA ARG A 12 -27.49 5.60 34.09
C ARG A 12 -27.25 4.85 35.40
N PRO A 13 -27.96 3.72 35.62
CA PRO A 13 -27.64 2.90 36.78
C PRO A 13 -26.26 2.24 36.66
N PRO A 14 -25.69 1.77 37.77
CA PRO A 14 -24.34 1.21 37.71
C PRO A 14 -24.32 -0.12 36.99
N LEU A 15 -23.14 -0.49 36.52
CA LEU A 15 -22.93 -1.83 36.03
C LEU A 15 -23.01 -2.82 37.17
N ASP A 16 -23.44 -4.03 36.86
CA ASP A 16 -23.45 -5.14 37.82
C ASP A 16 -22.29 -6.07 37.49
N GLU A 17 -21.17 -5.90 38.18
CA GLU A 17 -19.97 -6.67 37.92
C GLU A 17 -20.18 -8.17 38.12
N ARG A 18 -20.92 -8.52 39.18
CA ARG A 18 -21.15 -9.94 39.49
C ARG A 18 -21.89 -10.63 38.35
N SER A 19 -22.90 -9.96 37.83
CA SER A 19 -23.70 -10.51 36.76
C SER A 19 -22.87 -10.69 35.49
N LEU A 20 -22.03 -9.70 35.19
CA LEU A 20 -21.16 -9.80 34.02
C LEU A 20 -20.23 -10.99 34.15
N ARG A 21 -19.63 -11.16 35.31
CA ARG A 21 -18.74 -12.31 35.51
C ARG A 21 -19.49 -13.63 35.36
N ASP A 22 -20.70 -13.68 35.91
CA ASP A 22 -21.55 -14.86 35.78
C ASP A 22 -21.80 -15.24 34.34
N GLN A 23 -22.08 -14.22 33.51
CA GLN A 23 -22.43 -14.44 32.12
C GLN A 23 -21.22 -14.74 31.24
N LEU A 24 -20.07 -14.15 31.58
CA LEU A 24 -18.94 -14.12 30.64
C LEU A 24 -17.72 -14.95 31.03
N ILE A 25 -17.67 -15.42 32.27
CA ILE A 25 -16.51 -16.21 32.67
C ILE A 25 -16.97 -17.60 33.05
N GLY A 26 -16.41 -18.61 32.39
CA GLY A 26 -16.79 -19.98 32.65
C GLY A 26 -16.57 -20.88 31.45
N ALA A 27 -16.88 -22.16 31.59
CA ALA A 27 -16.71 -23.08 30.46
C ALA A 27 -17.45 -22.54 29.24
N GLY A 28 -16.81 -22.63 28.08
CA GLY A 28 -17.39 -22.17 26.83
C GLY A 28 -17.03 -20.74 26.51
N SER A 29 -16.42 -20.04 27.47
CA SER A 29 -16.03 -18.64 27.23
C SER A 29 -14.53 -18.46 27.40
N GLY A 30 -13.96 -17.58 26.56
CA GLY A 30 -12.53 -17.34 26.62
C GLY A 30 -12.16 -16.21 27.55
N TRP A 31 -13.14 -15.49 28.09
CA TRP A 31 -12.79 -14.41 29.01
C TRP A 31 -12.37 -15.01 30.36
N ARG A 32 -11.24 -14.54 30.86
CA ARG A 32 -10.63 -15.13 32.05
CA ARG A 32 -10.61 -15.12 32.05
C ARG A 32 -10.83 -14.29 33.30
N GLN A 33 -11.00 -12.98 33.13
CA GLN A 33 -11.07 -12.07 34.26
C GLN A 33 -11.84 -10.83 33.84
N LEU A 34 -12.65 -10.30 34.74
CA LEU A 34 -13.41 -9.10 34.45
C LEU A 34 -13.55 -8.28 35.71
N ASP A 35 -13.13 -7.03 35.62
CA ASP A 35 -13.25 -6.08 36.72
C ASP A 35 -13.93 -4.80 36.25
N VAL A 36 -14.82 -4.27 37.09
CA VAL A 36 -15.41 -2.95 36.88
C VAL A 36 -14.80 -2.03 37.93
N VAL A 37 -14.20 -0.93 37.49
CA VAL A 37 -13.69 0.07 38.42
C VAL A 37 -14.54 1.34 38.34
N ALA A 38 -14.62 2.07 39.44
CA ALA A 38 -15.44 3.27 39.43
C ALA A 38 -14.88 4.33 38.50
N GLN A 39 -13.56 4.48 38.53
CA GLN A 39 -12.91 5.54 37.79
C GLN A 39 -11.46 5.22 37.51
N THR A 40 -10.98 5.64 36.33
CA THR A 40 -9.56 5.59 36.07
C THR A 40 -9.20 6.64 35.01
N GLY A 41 -7.91 6.80 34.79
CA GLY A 41 -7.43 7.70 33.76
C GLY A 41 -7.70 7.15 32.38
N SER A 42 -7.24 5.92 32.14
CA SER A 42 -7.37 5.28 30.84
C SER A 42 -7.34 3.77 31.01
N THR A 43 -8.41 3.08 30.61
CA THR A 43 -8.42 1.62 30.77
C THR A 43 -7.35 0.97 29.88
N ASN A 44 -7.09 1.54 28.72
CA ASN A 44 -6.02 1.02 27.88
C ASN A 44 -4.68 1.11 28.59
N ALA A 45 -4.42 2.27 29.17
CA ALA A 45 -3.18 2.50 29.92
C ALA A 45 -3.04 1.50 31.06
N ASP A 46 -4.14 1.28 31.77
CA ASP A 46 -4.11 0.35 32.90
C ASP A 46 -3.76 -1.09 32.48
N LEU A 47 -4.37 -1.57 31.41
CA LEU A 47 -4.08 -2.93 30.96
C LEU A 47 -2.67 -3.03 30.42
N LEU A 48 -2.24 -2.01 29.69
CA LEU A 48 -0.84 -1.97 29.22
C LEU A 48 0.13 -2.04 30.39
N ALA A 49 -0.19 -1.32 31.46
CA ALA A 49 0.68 -1.29 32.64
C ALA A 49 0.72 -2.65 33.33
N ARG A 50 -0.42 -3.34 33.35
CA ARG A 50 -0.43 -4.69 33.90
C ARG A 50 0.48 -5.62 33.11
N ALA A 51 0.41 -5.53 31.79
CA ALA A 51 1.23 -6.36 30.92
C ALA A 51 2.71 -6.02 31.10
N ALA A 52 3.00 -4.73 31.27
CA ALA A 52 4.38 -4.26 31.46
C ALA A 52 5.02 -4.81 32.73
N SER A 53 4.20 -5.20 33.71
CA SER A 53 4.74 -5.77 34.92
C SER A 53 4.54 -7.28 35.00
N GLY A 54 4.23 -7.91 33.87
CA GLY A 54 4.31 -9.34 33.77
C GLY A 54 3.00 -10.11 33.79
N ALA A 55 1.89 -9.39 33.89
CA ALA A 55 0.57 -10.01 33.90
C ALA A 55 0.20 -10.64 32.56
N ASP A 56 -0.38 -11.83 32.61
CA ASP A 56 -0.96 -12.43 31.41
C ASP A 56 -2.32 -11.79 31.19
N ILE A 57 -2.41 -10.82 30.29
CA ILE A 57 -3.67 -10.13 30.11
C ILE A 57 -4.52 -10.71 28.97
N ASP A 58 -4.16 -11.87 28.43
CA ASP A 58 -5.01 -12.46 27.40
C ASP A 58 -6.38 -12.82 27.98
N GLY A 59 -7.43 -12.33 27.33
CA GLY A 59 -8.79 -12.57 27.81
C GLY A 59 -9.17 -11.87 29.11
N VAL A 60 -8.43 -10.83 29.45
CA VAL A 60 -8.71 -10.03 30.63
C VAL A 60 -9.51 -8.79 30.23
N VAL A 61 -10.58 -8.50 30.97
CA VAL A 61 -11.48 -7.38 30.68
C VAL A 61 -11.42 -6.37 31.80
N LEU A 62 -11.28 -5.09 31.44
CA LEU A 62 -11.34 -4.00 32.40
C LEU A 62 -12.35 -2.99 31.92
N ILE A 63 -13.36 -2.73 32.76
CA ILE A 63 -14.42 -1.79 32.44
C ILE A 63 -14.36 -0.66 33.46
N ALA A 64 -14.45 0.58 32.99
CA ALA A 64 -14.50 1.72 33.90
C ALA A 64 -15.85 2.44 33.81
N GLU A 65 -16.46 2.75 34.95
CA GLU A 65 -17.70 3.53 34.91
C GLU A 65 -17.45 4.95 34.44
N HIS A 66 -16.29 5.49 34.80
CA HIS A 66 -15.87 6.82 34.38
C HIS A 66 -14.36 6.80 34.04
N GLN A 67 -13.97 7.63 33.08
CA GLN A 67 -12.61 7.68 32.58
C GLN A 67 -12.24 9.13 32.33
N THR A 68 -11.17 9.59 33.00
CA THR A 68 -10.88 11.03 33.08
C THR A 68 -9.73 11.53 32.20
N ALA A 69 -8.91 10.61 31.72
CA ALA A 69 -7.77 10.94 30.86
C ALA A 69 -7.74 9.99 29.68
N GLY A 70 -8.91 9.82 29.05
CA GLY A 70 -9.07 8.87 27.96
C GLY A 70 -8.22 9.22 26.76
N ARG A 71 -7.83 8.20 26.01
CA ARG A 71 -6.96 8.41 24.89
C ARG A 71 -7.58 7.96 23.57
N GLY A 72 -7.39 8.77 22.54
CA GLY A 72 -7.80 8.41 21.21
C GLY A 72 -6.59 8.04 20.39
N ARG A 73 -6.82 7.74 19.12
CA ARG A 73 -5.73 7.47 18.21
C ARG A 73 -4.87 8.71 18.00
N HIS A 74 -3.62 8.49 17.61
CA HIS A 74 -2.72 9.56 17.16
C HIS A 74 -2.55 10.65 18.20
N GLY A 75 -2.53 10.25 19.47
CA GLY A 75 -2.31 11.18 20.56
C GLY A 75 -3.48 12.07 20.92
N ARG A 76 -4.66 11.77 20.39
CA ARG A 76 -5.83 12.55 20.76
C ARG A 76 -6.46 12.06 22.05
N GLY A 77 -7.52 12.73 22.45
CA GLY A 77 -8.23 12.36 23.66
C GLY A 77 -9.51 11.61 23.40
N TRP A 78 -10.11 11.12 24.48
CA TRP A 78 -11.45 10.57 24.48
C TRP A 78 -12.13 11.07 25.74
N ALA A 79 -13.32 11.62 25.60
CA ALA A 79 -14.04 12.22 26.72
C ALA A 79 -15.22 11.36 27.15
N ALA A 80 -15.57 11.48 28.42
CA ALA A 80 -16.67 10.72 29.00
C ALA A 80 -17.25 11.41 30.21
N THR A 81 -18.51 11.12 30.50
CA THR A 81 -19.02 11.41 31.83
C THR A 81 -19.43 10.09 32.47
N ALA A 82 -19.52 10.09 33.79
CA ALA A 82 -19.68 8.85 34.55
C ALA A 82 -20.94 8.08 34.17
N ARG A 83 -20.76 6.78 33.89
CA ARG A 83 -21.83 5.82 33.62
C ARG A 83 -22.58 6.07 32.31
N ALA A 84 -22.06 6.96 31.48
CA ALA A 84 -22.74 7.35 30.23
C ALA A 84 -22.29 6.50 29.04
N GLN A 85 -21.17 5.81 29.23
CA GLN A 85 -20.62 4.95 28.18
C GLN A 85 -20.41 3.55 28.70
N ILE A 86 -20.16 2.64 27.78
CA ILE A 86 -19.41 1.43 28.10
C ILE A 86 -17.96 1.69 27.69
N ILE A 87 -17.08 1.68 28.69
CA ILE A 87 -15.68 2.05 28.52
C ILE A 87 -14.89 0.82 28.91
N LEU A 88 -14.30 0.13 27.94
CA LEU A 88 -13.60 -1.08 28.34
C LEU A 88 -12.35 -1.33 27.51
N SER A 89 -11.45 -2.12 28.10
CA SER A 89 -10.29 -2.61 27.39
C SER A 89 -10.22 -4.11 27.56
N VAL A 90 -9.71 -4.82 26.56
CA VAL A 90 -9.43 -6.24 26.71
C VAL A 90 -8.02 -6.55 26.22
N GLY A 91 -7.43 -7.60 26.76
CA GLY A 91 -6.12 -8.04 26.32
C GLY A 91 -6.23 -9.20 25.33
N VAL A 92 -5.39 -9.16 24.29
CA VAL A 92 -5.35 -10.21 23.27
C VAL A 92 -3.92 -10.63 22.99
N ARG A 93 -3.57 -11.91 23.22
CA ARG A 93 -2.27 -12.42 22.78
C ARG A 93 -2.21 -12.45 21.24
N VAL A 94 -1.19 -11.81 20.66
CA VAL A 94 -1.11 -11.69 19.20
C VAL A 94 0.17 -12.27 18.62
N VAL A 95 1.08 -12.71 19.48
CA VAL A 95 2.43 -13.05 19.04
C VAL A 95 2.41 -14.26 18.08
N ASP A 96 1.36 -15.06 18.17
CA ASP A 96 1.19 -16.26 17.35
CA ASP A 96 1.25 -16.26 17.34
C ASP A 96 0.74 -15.94 15.93
N VAL A 97 0.29 -14.69 15.72
CA VAL A 97 -0.24 -14.26 14.42
C VAL A 97 0.78 -13.34 13.75
N PRO A 98 1.00 -13.51 12.43
CA PRO A 98 1.96 -12.64 11.73
C PRO A 98 1.63 -11.16 11.93
N VAL A 99 2.67 -10.34 12.16
CA VAL A 99 2.50 -8.93 12.48
C VAL A 99 1.72 -8.16 11.41
N GLN A 100 1.85 -8.59 10.16
CA GLN A 100 1.17 -7.92 9.05
C GLN A 100 -0.35 -8.03 9.15
N ALA A 101 -0.83 -8.99 9.94
CA ALA A 101 -2.26 -9.19 10.10
C ALA A 101 -2.85 -8.45 11.30
N TRP A 102 -2.02 -7.83 12.13
CA TRP A 102 -2.53 -7.25 13.38
C TRP A 102 -3.51 -6.09 13.17
N GLY A 103 -3.41 -5.41 12.03
CA GLY A 103 -4.31 -4.31 11.75
C GLY A 103 -5.76 -4.77 11.67
N TRP A 104 -5.95 -6.03 11.30
CA TRP A 104 -7.31 -6.55 11.14
C TRP A 104 -7.96 -6.82 12.49
N LEU A 105 -7.16 -6.95 13.54
CA LEU A 105 -7.73 -7.12 14.88
C LEU A 105 -8.51 -5.87 15.28
N SER A 106 -7.98 -4.70 14.97
CA SER A 106 -8.71 -3.47 15.24
C SER A 106 -10.00 -3.36 14.43
N LEU A 107 -9.95 -3.79 13.17
CA LEU A 107 -11.15 -3.72 12.34
C LEU A 107 -12.18 -4.71 12.88
N ALA A 108 -11.71 -5.86 13.33
CA ALA A 108 -12.60 -6.87 13.90
C ALA A 108 -13.34 -6.32 15.12
N ALA A 109 -12.66 -5.53 15.95
CA ALA A 109 -13.28 -4.98 17.15
C ALA A 109 -14.42 -4.02 16.78
N GLY A 110 -14.20 -3.21 15.75
CA GLY A 110 -15.25 -2.29 15.31
C GLY A 110 -16.49 -3.04 14.84
N LEU A 111 -16.26 -4.08 14.05
CA LEU A 111 -17.32 -4.95 13.58
C LEU A 111 -18.12 -5.52 14.75
N ALA A 112 -17.42 -6.00 15.77
CA ALA A 112 -18.08 -6.57 16.96
C ALA A 112 -18.95 -5.54 17.70
N VAL A 113 -18.42 -4.33 17.89
CA VAL A 113 -19.16 -3.30 18.57
C VAL A 113 -20.42 -2.94 17.79
N LEU A 114 -20.25 -2.76 16.48
CA LEU A 114 -21.39 -2.45 15.62
C LEU A 114 -22.44 -3.55 15.68
N ASP A 115 -22.02 -4.80 15.53
CA ASP A 115 -23.01 -5.87 15.49
C ASP A 115 -23.74 -6.00 16.83
N SER A 116 -23.09 -5.62 17.93
CA SER A 116 -23.71 -5.75 19.24
C SER A 116 -24.78 -4.68 19.50
N VAL A 117 -24.69 -3.53 18.84
CA VAL A 117 -25.69 -2.48 19.09
C VAL A 117 -26.64 -2.24 17.93
N ALA A 118 -26.31 -2.73 16.73
CA ALA A 118 -27.15 -2.45 15.55
C ALA A 118 -28.62 -2.88 15.73
N PRO A 119 -28.87 -4.06 16.31
CA PRO A 119 -30.29 -4.44 16.51
C PRO A 119 -31.07 -3.53 17.47
N LEU A 120 -30.39 -2.71 18.28
CA LEU A 120 -31.09 -1.85 19.24
C LEU A 120 -31.74 -0.61 18.61
N ILE A 121 -31.24 -0.18 17.46
CA ILE A 121 -31.75 1.03 16.80
C ILE A 121 -33.03 0.74 16.00
N ALA A 122 -34.03 1.61 16.11
CA ALA A 122 -35.37 1.35 15.55
C ALA A 122 -35.33 1.17 14.04
N VAL A 123 -35.13 2.28 13.33
CA VAL A 123 -34.92 2.17 11.89
C VAL A 123 -33.44 2.39 11.62
N PRO A 124 -32.88 1.63 10.66
CA PRO A 124 -31.48 1.85 10.25
C PRO A 124 -31.36 3.11 9.41
N PRO A 125 -30.84 4.17 10.00
CA PRO A 125 -30.76 5.43 9.28
C PRO A 125 -29.49 5.51 8.45
N ALA A 126 -29.47 6.43 7.48
CA ALA A 126 -28.33 6.54 6.58
C ALA A 126 -27.02 6.80 7.35
N GLU A 127 -25.91 6.32 6.78
CA GLU A 127 -24.59 6.47 7.38
C GLU A 127 -24.52 5.76 8.74
N THR A 128 -24.93 4.49 8.72
CA THR A 128 -24.85 3.59 9.88
C THR A 128 -24.02 2.34 9.59
N GLY A 129 -22.85 2.27 10.20
CA GLY A 129 -21.91 1.21 9.88
C GLY A 129 -20.52 1.62 10.32
N LEU A 130 -19.49 1.10 9.63
CA LEU A 130 -18.12 1.38 10.01
C LEU A 130 -17.44 2.40 9.11
N LYS A 131 -16.85 3.43 9.74
CA LYS A 131 -15.96 4.32 9.01
C LYS A 131 -14.55 3.87 9.24
N TRP A 132 -13.78 3.68 8.17
CA TRP A 132 -12.43 3.17 8.29
C TRP A 132 -11.60 4.14 9.13
N PRO A 133 -10.82 3.59 10.08
CA PRO A 133 -10.70 2.14 10.30
C PRO A 133 -11.91 1.47 11.00
N ASN A 134 -12.27 1.95 12.18
CA ASN A 134 -13.28 1.24 12.95
C ASN A 134 -14.17 2.19 13.78
N ASP A 135 -14.26 3.46 13.37
CA ASP A 135 -15.31 4.33 13.94
C ASP A 135 -16.66 3.68 13.70
N VAL A 136 -17.46 3.56 14.74
CA VAL A 136 -18.81 3.07 14.58
C VAL A 136 -19.74 4.27 14.44
N LEU A 137 -20.39 4.39 13.28
CA LEU A 137 -21.29 5.53 13.04
C LEU A 137 -22.75 5.11 12.99
N ALA A 138 -23.64 6.02 13.38
CA ALA A 138 -25.07 5.85 13.24
C ALA A 138 -25.64 7.22 12.95
N ARG A 139 -26.44 7.34 11.89
CA ARG A 139 -26.91 8.67 11.47
C ARG A 139 -25.76 9.65 11.29
N GLY A 140 -24.62 9.18 10.82
CA GLY A 140 -23.48 10.05 10.62
C GLY A 140 -22.78 10.54 11.88
N GLY A 141 -23.27 10.13 13.05
CA GLY A 141 -22.65 10.52 14.31
C GLY A 141 -21.75 9.43 14.85
N LYS A 142 -20.73 9.78 15.62
CA LYS A 142 -19.79 8.77 16.10
C LYS A 142 -20.31 8.13 17.37
N LEU A 143 -20.67 6.85 17.27
CA LEU A 143 -21.29 6.09 18.34
C LEU A 143 -20.25 5.40 19.22
N ALA A 144 -19.13 5.00 18.62
CA ALA A 144 -18.04 4.37 19.37
C ALA A 144 -16.72 4.60 18.68
N GLY A 145 -15.66 4.69 19.48
CA GLY A 145 -14.30 4.75 19.00
C GLY A 145 -13.51 3.60 19.59
N ILE A 146 -12.57 3.10 18.80
CA ILE A 146 -11.77 1.94 19.18
C ILE A 146 -10.28 2.28 19.04
N LEU A 147 -9.50 1.90 20.04
CA LEU A 147 -8.04 2.12 20.03
C LEU A 147 -7.29 0.83 20.34
N ALA A 148 -6.36 0.45 19.46
CA ALA A 148 -5.54 -0.74 19.68
C ALA A 148 -4.11 -0.31 19.96
N GLU A 149 -3.51 -0.86 21.01
CA GLU A 149 -2.14 -0.54 21.37
C GLU A 149 -1.34 -1.80 21.68
N VAL A 150 -0.05 -1.76 21.40
CA VAL A 150 0.79 -2.95 21.56
C VAL A 150 1.51 -2.99 22.91
N ALA A 151 1.48 -4.16 23.52
CA ALA A 151 2.34 -4.49 24.65
C ALA A 151 2.73 -5.95 24.50
N GLN A 152 3.79 -6.20 23.74
CA GLN A 152 4.21 -7.55 23.40
C GLN A 152 4.23 -8.44 24.61
N PRO A 153 3.66 -9.64 24.49
CA PRO A 153 3.09 -10.29 23.30
C PRO A 153 1.60 -10.01 23.05
N PHE A 154 1.10 -8.90 23.57
CA PHE A 154 -0.33 -8.58 23.48
C PHE A 154 -0.65 -7.34 22.67
N VAL A 155 -1.92 -7.25 22.30
CA VAL A 155 -2.53 -5.99 21.91
C VAL A 155 -3.63 -5.72 22.93
N VAL A 156 -3.76 -4.47 23.33
CA VAL A 156 -4.86 -4.03 24.17
C VAL A 156 -5.88 -3.34 23.29
N LEU A 157 -7.12 -3.83 23.31
CA LEU A 157 -8.18 -3.22 22.51
C LEU A 157 -9.06 -2.40 23.41
N GLY A 158 -9.26 -1.14 23.06
CA GLY A 158 -10.07 -0.26 23.89
C GLY A 158 -11.30 0.22 23.14
N VAL A 159 -12.44 0.22 23.82
CA VAL A 159 -13.71 0.59 23.20
C VAL A 159 -14.37 1.65 24.05
N GLY A 160 -14.75 2.76 23.43
CA GLY A 160 -15.58 3.73 24.12
C GLY A 160 -16.90 3.79 23.36
N LEU A 161 -17.98 3.32 23.98
CA LEU A 161 -19.28 3.26 23.31
C LEU A 161 -20.27 4.19 24.00
N ASN A 162 -20.78 5.19 23.27
CA ASN A 162 -21.74 6.13 23.85
C ASN A 162 -23.12 5.51 24.02
N VAL A 163 -23.54 5.34 25.27
CA VAL A 163 -24.80 4.68 25.55
C VAL A 163 -25.87 5.73 25.81
N THR A 164 -25.63 6.59 26.81
CA THR A 164 -26.53 7.72 27.07
C THR A 164 -25.76 9.03 27.00
N GLN A 165 -24.49 8.95 26.64
CA GLN A 165 -23.62 10.12 26.52
C GLN A 165 -24.18 11.21 25.62
N ALA A 166 -24.32 12.43 26.15
CA ALA A 166 -24.77 13.55 25.35
C ALA A 166 -23.62 14.11 24.50
N PRO A 167 -23.89 14.40 23.23
CA PRO A 167 -22.86 14.98 22.36
C PRO A 167 -22.19 16.24 22.91
N GLU A 168 -22.95 17.16 23.52
CA GLU A 168 -22.32 18.37 24.04
C GLU A 168 -21.34 18.08 25.18
N GLU A 169 -21.50 16.91 25.81
CA GLU A 169 -20.60 16.50 26.88
C GLU A 169 -19.22 16.05 26.36
N VAL A 170 -19.13 15.68 25.08
CA VAL A 170 -17.94 15.01 24.58
C VAL A 170 -17.38 15.45 23.22
N ASP A 171 -18.26 15.65 22.25
CA ASP A 171 -17.86 16.06 20.90
C ASP A 171 -19.09 16.33 20.05
N PRO A 172 -19.06 17.41 19.25
CA PRO A 172 -20.27 17.79 18.51
C PRO A 172 -20.70 16.76 17.46
N ASP A 173 -19.80 15.87 17.04
CA ASP A 173 -20.16 14.86 16.02
C ASP A 173 -20.47 13.50 16.63
N ALA A 174 -20.56 13.44 17.96
CA ALA A 174 -20.88 12.20 18.65
C ALA A 174 -22.38 11.94 18.59
N THR A 175 -22.77 10.69 18.78
CA THR A 175 -24.15 10.34 19.07
C THR A 175 -24.16 9.22 20.11
N SER A 176 -25.34 8.80 20.54
CA SER A 176 -25.44 7.77 21.56
C SER A 176 -26.64 6.89 21.28
N LEU A 177 -26.70 5.72 21.92
CA LEU A 177 -27.83 4.83 21.75
C LEU A 177 -29.13 5.53 22.17
N LEU A 178 -29.07 6.24 23.28
CA LEU A 178 -30.24 7.00 23.75
C LEU A 178 -30.71 7.99 22.70
N ASP A 179 -29.76 8.70 22.10
CA ASP A 179 -30.11 9.74 21.13
C ASP A 179 -30.60 9.13 19.82
N LEU A 180 -30.35 7.84 19.63
CA LEU A 180 -30.83 7.11 18.46
C LEU A 180 -32.16 6.43 18.73
N GLY A 181 -32.72 6.61 19.92
CA GLY A 181 -34.05 6.12 20.21
C GLY A 181 -34.16 4.90 21.12
N VAL A 182 -33.04 4.40 21.60
CA VAL A 182 -33.09 3.33 22.60
C VAL A 182 -33.49 4.02 23.90
N ALA A 183 -34.72 3.76 24.35
CA ALA A 183 -35.28 4.57 25.43
C ALA A 183 -34.61 4.32 26.77
N ALA A 184 -34.35 3.05 27.07
CA ALA A 184 -33.76 2.71 28.36
C ALA A 184 -32.65 1.69 28.16
N PRO A 185 -31.51 2.13 27.61
CA PRO A 185 -30.44 1.18 27.32
C PRO A 185 -29.88 0.51 28.58
N ASP A 186 -29.67 -0.79 28.47
CA ASP A 186 -29.22 -1.59 29.59
C ASP A 186 -27.76 -1.90 29.36
N ARG A 187 -26.87 -1.29 30.12
CA ARG A 187 -25.44 -1.47 29.84
C ARG A 187 -24.95 -2.86 30.17
N ASN A 188 -25.61 -3.57 31.09
CA ASN A 188 -25.19 -4.94 31.36
C ASN A 188 -25.46 -5.85 30.18
N ARG A 189 -26.65 -5.69 29.62
CA ARG A 189 -27.01 -6.42 28.41
C ARG A 189 -26.05 -6.06 27.28
N ILE A 190 -25.81 -4.77 27.11
CA ILE A 190 -25.01 -4.32 25.98
C ILE A 190 -23.55 -4.75 26.12
N ALA A 191 -22.98 -4.63 27.32
CA ALA A 191 -21.62 -5.05 27.57
C ALA A 191 -21.44 -6.54 27.32
N SER A 192 -22.43 -7.33 27.73
CA SER A 192 -22.36 -8.78 27.53
C SER A 192 -22.39 -9.13 26.03
N ARG A 193 -23.27 -8.45 25.31
CA ARG A 193 -23.38 -8.69 23.87
C ARG A 193 -22.09 -8.30 23.17
N LEU A 194 -21.56 -7.14 23.54
CA LEU A 194 -20.33 -6.64 22.94
C LEU A 194 -19.20 -7.64 23.15
N LEU A 195 -19.02 -8.11 24.38
CA LEU A 195 -17.90 -9.01 24.65
C LEU A 195 -18.06 -10.38 24.01
N ARG A 196 -19.31 -10.85 23.88
CA ARG A 196 -19.53 -12.12 23.16
C ARG A 196 -19.23 -11.97 21.67
N GLU A 197 -19.66 -10.87 21.07
CA GLU A 197 -19.32 -10.58 19.67
C GLU A 197 -17.81 -10.46 19.50
N LEU A 198 -17.17 -9.78 20.43
CA LEU A 198 -15.75 -9.53 20.30
C LEU A 198 -14.96 -10.84 20.37
N GLU A 199 -15.37 -11.74 21.28
CA GLU A 199 -14.71 -13.03 21.39
C GLU A 199 -14.74 -13.78 20.06
N ALA A 200 -15.91 -13.85 19.43
CA ALA A 200 -16.02 -14.53 18.15
C ALA A 200 -15.13 -13.87 17.09
N ARG A 201 -15.11 -12.55 17.06
CA ARG A 201 -14.33 -11.89 16.01
C ARG A 201 -12.84 -12.05 16.25
N ILE A 202 -12.42 -12.09 17.51
CA ILE A 202 -11.01 -12.32 17.81
C ILE A 202 -10.60 -13.73 17.37
N ILE A 203 -11.47 -14.70 17.62
CA ILE A 203 -11.20 -16.07 17.17
C ILE A 203 -11.11 -16.13 15.64
N GLN A 204 -12.03 -15.48 14.94
CA GLN A 204 -11.97 -15.44 13.48
C GLN A 204 -10.66 -14.82 12.98
N TRP A 205 -10.29 -13.68 13.58
CA TRP A 205 -9.05 -13.02 13.22
C TRP A 205 -7.85 -13.93 13.41
N ARG A 206 -7.77 -14.60 14.56
CA ARG A 206 -6.65 -15.48 14.87
C ARG A 206 -6.55 -16.63 13.87
N ASN A 207 -7.68 -17.04 13.31
CA ASN A 207 -7.71 -18.15 12.40
C ASN A 207 -7.84 -17.74 10.93
N ALA A 208 -7.67 -16.45 10.67
CA ALA A 208 -7.74 -15.91 9.31
C ALA A 208 -9.04 -16.30 8.59
N ASN A 209 -10.16 -16.26 9.30
CA ASN A 209 -11.44 -16.60 8.69
C ASN A 209 -11.80 -15.56 7.64
N PRO A 210 -12.11 -16.01 6.42
CA PRO A 210 -12.46 -15.03 5.38
C PRO A 210 -13.73 -14.28 5.69
N GLN A 211 -14.56 -14.83 6.55
CA GLN A 211 -15.82 -14.20 6.88
C GLN A 211 -15.63 -12.86 7.60
N LEU A 212 -14.51 -12.72 8.28
CA LEU A 212 -14.21 -11.45 8.96
C LEU A 212 -14.12 -10.29 7.97
N ALA A 213 -13.30 -10.45 6.92
CA ALA A 213 -13.19 -9.39 5.92
C ALA A 213 -14.50 -9.19 5.15
N ALA A 214 -15.22 -10.28 4.86
CA ALA A 214 -16.48 -10.16 4.15
C ALA A 214 -17.51 -9.38 4.96
N ASP A 215 -17.60 -9.70 6.25
CA ASP A 215 -18.54 -9.02 7.12
C ASP A 215 -18.13 -7.57 7.30
N TYR A 216 -16.82 -7.29 7.38
CA TYR A 216 -16.39 -5.89 7.49
C TYR A 216 -16.82 -5.11 6.24
N ARG A 217 -16.59 -5.67 5.05
CA ARG A 217 -16.99 -4.98 3.82
C ARG A 217 -18.48 -4.71 3.78
N ALA A 218 -19.27 -5.68 4.26
CA ALA A 218 -20.71 -5.55 4.26
C ALA A 218 -21.19 -4.39 5.14
N ARG A 219 -20.39 -4.01 6.14
CA ARG A 219 -20.81 -2.95 7.06
C ARG A 219 -20.03 -1.64 6.84
N SER A 220 -19.23 -1.59 5.79
CA SER A 220 -18.36 -0.43 5.60
C SER A 220 -19.13 0.74 5.01
N LEU A 221 -18.99 1.90 5.63
CA LEU A 221 -19.56 3.11 5.06
C LEU A 221 -18.56 3.76 4.14
N THR A 222 -17.29 3.38 4.28
CA THR A 222 -16.20 4.09 3.61
C THR A 222 -16.01 3.59 2.19
N ILE A 223 -16.07 2.27 2.02
CA ILE A 223 -15.88 1.68 0.71
C ILE A 223 -16.98 2.16 -0.23
N GLY A 224 -16.55 2.69 -1.38
CA GLY A 224 -17.49 3.20 -2.36
C GLY A 224 -17.71 4.70 -2.27
N SER A 225 -17.20 5.30 -1.20
CA SER A 225 -17.43 6.71 -0.96
CA SER A 225 -17.42 6.72 -0.92
C SER A 225 -16.27 7.60 -1.40
N ARG A 226 -16.61 8.81 -1.84
CA ARG A 226 -15.60 9.83 -2.05
C ARG A 226 -15.12 10.22 -0.66
N VAL A 227 -13.82 10.33 -0.48
CA VAL A 227 -13.27 10.64 0.82
C VAL A 227 -12.15 11.65 0.77
N ARG A 228 -12.00 12.37 1.87
CA ARG A 228 -10.73 13.04 2.14
C ARG A 228 -10.11 12.33 3.32
N VAL A 229 -8.86 11.92 3.15
CA VAL A 229 -8.15 11.24 4.24
C VAL A 229 -7.04 12.14 4.75
N GLU A 230 -7.15 12.53 6.01
CA GLU A 230 -6.12 13.33 6.63
C GLU A 230 -5.06 12.40 7.25
N LEU A 231 -3.88 12.43 6.67
CA LEU A 231 -2.79 11.52 7.02
C LEU A 231 -1.95 12.00 8.19
N PRO A 232 -1.34 11.07 8.93
CA PRO A 232 -0.32 11.49 9.89
C PRO A 232 0.74 12.35 9.20
N GLY A 233 1.10 13.47 9.81
CA GLY A 233 2.05 14.39 9.20
C GLY A 233 1.35 15.58 8.60
N GLY A 234 0.02 15.53 8.57
CA GLY A 234 -0.77 16.69 8.22
C GLY A 234 -1.07 16.90 6.76
N GLN A 235 -0.78 15.92 5.92
CA GLN A 235 -1.20 15.98 4.52
C GLN A 235 -2.56 15.34 4.32
N ASP A 236 -3.25 15.80 3.27
CA ASP A 236 -4.57 15.30 2.93
C ASP A 236 -4.52 14.60 1.59
N VAL A 237 -5.30 13.53 1.44
CA VAL A 237 -5.54 12.94 0.13
C VAL A 237 -7.04 12.77 -0.11
N VAL A 238 -7.49 13.18 -1.28
CA VAL A 238 -8.90 13.08 -1.66
C VAL A 238 -9.02 12.07 -2.80
N GLY A 239 -9.89 11.10 -2.63
CA GLY A 239 -10.05 10.08 -3.65
C GLY A 239 -11.36 9.33 -3.43
N ILE A 240 -11.46 8.14 -3.99
CA ILE A 240 -12.60 7.27 -3.75
C ILE A 240 -12.10 6.00 -3.07
N ALA A 241 -12.68 5.67 -1.93
CA ALA A 241 -12.28 4.48 -1.20
C ALA A 241 -12.79 3.26 -1.93
N ARG A 242 -11.91 2.30 -2.23
CA ARG A 242 -12.29 1.14 -3.04
C ARG A 242 -12.33 -0.17 -2.24
N ASP A 243 -11.39 -0.33 -1.31
CA ASP A 243 -11.26 -1.60 -0.60
C ASP A 243 -10.36 -1.50 0.61
N ILE A 244 -10.33 -2.59 1.39
CA ILE A 244 -9.34 -2.82 2.44
C ILE A 244 -8.43 -3.97 1.99
N ASP A 245 -7.13 -3.85 2.22
CA ASP A 245 -6.24 -4.95 1.84
C ASP A 245 -6.02 -5.94 2.99
N ASP A 246 -5.11 -6.90 2.81
CA ASP A 246 -4.90 -7.97 3.79
C ASP A 246 -4.20 -7.51 5.07
N GLN A 247 -3.80 -6.25 5.11
CA GLN A 247 -3.15 -5.70 6.30
C GLN A 247 -4.10 -4.75 7.01
N GLY A 248 -5.32 -4.66 6.51
CA GLY A 248 -6.31 -3.77 7.09
C GLY A 248 -6.15 -2.33 6.63
N ARG A 249 -5.39 -2.11 5.56
CA ARG A 249 -5.14 -0.75 5.06
C ARG A 249 -6.18 -0.31 4.04
N LEU A 250 -6.40 0.99 3.95
CA LEU A 250 -7.43 1.52 3.06
C LEU A 250 -6.88 1.77 1.66
N CYS A 251 -7.56 1.23 0.66
CA CYS A 251 -7.13 1.38 -0.74
C CYS A 251 -7.93 2.48 -1.41
N LEU A 252 -7.24 3.52 -1.87
CA LEU A 252 -7.88 4.68 -2.45
C LEU A 252 -7.62 4.77 -3.94
N ASP A 253 -8.65 5.14 -4.69
CA ASP A 253 -8.49 5.52 -6.08
C ASP A 253 -8.36 7.03 -6.15
N VAL A 254 -7.18 7.51 -6.54
CA VAL A 254 -6.92 8.94 -6.63
C VAL A 254 -6.74 9.28 -8.11
N GLY A 255 -7.84 9.62 -8.77
CA GLY A 255 -7.81 9.96 -10.18
C GLY A 255 -7.11 8.89 -11.00
N GLY A 256 -7.36 7.63 -10.68
CA GLY A 256 -6.83 6.53 -11.46
C GLY A 256 -5.52 5.97 -10.93
N ARG A 257 -4.95 6.66 -9.96
CA ARG A 257 -3.75 6.17 -9.28
C ARG A 257 -4.14 5.64 -7.92
N THR A 258 -3.66 4.45 -7.58
CA THR A 258 -4.00 3.83 -6.30
C THR A 258 -3.03 4.23 -5.19
N VAL A 259 -3.60 4.59 -4.03
CA VAL A 259 -2.83 5.00 -2.87
C VAL A 259 -3.34 4.17 -1.70
N VAL A 260 -2.45 3.43 -1.05
CA VAL A 260 -2.84 2.60 0.10
C VAL A 260 -2.40 3.28 1.38
N VAL A 261 -3.33 3.46 2.31
CA VAL A 261 -3.06 4.23 3.53
C VAL A 261 -3.16 3.33 4.78
N SER A 262 -2.14 3.37 5.64
CA SER A 262 -2.13 2.52 6.83
CA SER A 262 -2.11 2.54 6.84
C SER A 262 -2.89 3.15 8.00
N ALA A 263 -2.96 4.47 8.01
CA ALA A 263 -3.59 5.23 9.10
C ALA A 263 -4.02 6.58 8.59
N GLY A 264 -5.13 7.09 9.10
CA GLY A 264 -5.58 8.41 8.71
C GLY A 264 -7.00 8.69 9.15
N ASP A 265 -7.40 9.95 9.08
CA ASP A 265 -8.77 10.32 9.43
C ASP A 265 -9.59 10.47 8.17
N VAL A 266 -10.65 9.69 8.08
CA VAL A 266 -11.49 9.69 6.89
C VAL A 266 -12.67 10.64 7.06
N VAL A 267 -12.89 11.46 6.03
CA VAL A 267 -14.11 12.24 5.95
C VAL A 267 -14.88 11.77 4.72
N HIS A 268 -16.13 11.36 4.92
CA HIS A 268 -16.96 10.98 3.79
C HIS A 268 -17.48 12.25 3.14
N LEU A 269 -17.25 12.38 1.83
CA LEU A 269 -17.66 13.59 1.11
C LEU A 269 -19.01 13.43 0.42
N ARG B 8 26.59 14.82 -34.98
CA ARG B 8 26.65 13.56 -34.26
C ARG B 8 26.38 12.37 -35.17
N ASP B 9 25.94 12.67 -36.40
CA ASP B 9 25.61 11.63 -37.37
C ASP B 9 26.82 10.74 -37.65
N ARG B 10 28.00 11.35 -37.60
CA ARG B 10 29.27 10.64 -37.74
C ARG B 10 29.38 9.46 -36.75
N LEU B 11 28.80 9.64 -35.57
CA LEU B 11 28.92 8.66 -34.50
C LEU B 11 27.75 7.70 -34.46
N ARG B 12 26.98 7.64 -35.54
CA ARG B 12 25.78 6.80 -35.57
C ARG B 12 25.76 5.81 -36.74
N PRO B 13 26.72 4.88 -36.78
CA PRO B 13 26.60 3.79 -37.76
C PRO B 13 25.41 2.91 -37.42
N PRO B 14 24.86 2.20 -38.42
CA PRO B 14 23.71 1.36 -38.14
C PRO B 14 24.05 0.15 -37.28
N LEU B 15 23.03 -0.42 -36.65
CA LEU B 15 23.18 -1.70 -35.99
C LEU B 15 23.40 -2.80 -37.01
N ASP B 16 24.16 -3.80 -36.60
CA ASP B 16 24.48 -4.96 -37.43
C ASP B 16 23.63 -6.14 -36.96
N GLU B 17 22.48 -6.34 -37.60
CA GLU B 17 21.56 -7.41 -37.24
C GLU B 17 22.23 -8.78 -37.28
N ARG B 18 22.96 -9.02 -38.37
CA ARG B 18 23.68 -10.27 -38.55
C ARG B 18 24.60 -10.60 -37.38
N SER B 19 25.37 -9.61 -36.96
CA SER B 19 26.34 -9.81 -35.90
C SER B 19 25.63 -10.06 -34.58
N LEU B 20 24.55 -9.31 -34.33
CA LEU B 20 23.78 -9.52 -33.10
C LEU B 20 23.22 -10.93 -33.07
N ARG B 21 22.67 -11.40 -34.19
CA ARG B 21 22.15 -12.76 -34.24
C ARG B 21 23.23 -13.78 -33.98
N ASP B 22 24.39 -13.60 -34.63
CA ASP B 22 25.48 -14.54 -34.47
C ASP B 22 25.94 -14.61 -33.02
N GLN B 23 25.98 -13.46 -32.35
CA GLN B 23 26.52 -13.40 -31.00
C GLN B 23 25.52 -13.90 -29.97
N LEU B 24 24.24 -13.61 -30.20
CA LEU B 24 23.24 -13.82 -29.15
C LEU B 24 22.26 -14.96 -29.35
N ILE B 25 21.85 -15.21 -30.59
CA ILE B 25 20.63 -16.00 -30.80
C ILE B 25 20.98 -17.48 -30.93
N GLY B 26 20.59 -18.25 -29.91
CA GLY B 26 20.97 -19.66 -29.82
C GLY B 26 22.42 -19.81 -29.46
N ALA B 27 23.05 -18.71 -29.06
CA ALA B 27 24.50 -18.67 -28.85
C ALA B 27 24.87 -18.12 -27.47
N GLY B 28 25.22 -16.85 -27.40
CA GLY B 28 25.62 -16.24 -26.15
C GLY B 28 24.48 -15.82 -25.24
N SER B 29 23.25 -16.17 -25.63
CA SER B 29 22.09 -15.88 -24.80
C SER B 29 20.99 -16.85 -25.09
N GLY B 30 19.94 -16.78 -24.27
CA GLY B 30 18.76 -17.59 -24.46
C GLY B 30 17.68 -16.92 -25.31
N TRP B 31 17.95 -15.72 -25.84
CA TRP B 31 17.00 -15.10 -26.77
C TRP B 31 16.91 -15.94 -28.03
N ARG B 32 15.72 -16.06 -28.60
CA ARG B 32 15.53 -17.04 -29.67
C ARG B 32 15.20 -16.45 -31.03
N GLN B 33 14.95 -15.15 -31.07
CA GLN B 33 14.71 -14.45 -32.32
C GLN B 33 15.14 -13.01 -32.17
N LEU B 34 15.76 -12.46 -33.20
CA LEU B 34 16.12 -11.05 -33.17
C LEU B 34 15.94 -10.41 -34.55
N ASP B 35 15.28 -9.26 -34.58
CA ASP B 35 15.16 -8.50 -35.81
C ASP B 35 15.50 -7.04 -35.54
N VAL B 36 16.18 -6.42 -36.50
CA VAL B 36 16.40 -4.98 -36.46
C VAL B 36 15.59 -4.38 -37.59
N VAL B 37 14.77 -3.38 -37.29
CA VAL B 37 14.03 -2.70 -38.35
C VAL B 37 14.54 -1.27 -38.43
N ALA B 38 14.57 -0.75 -39.65
CA ALA B 38 14.99 0.63 -39.86
C ALA B 38 14.03 1.61 -39.21
N GLN B 39 12.72 1.34 -39.32
CA GLN B 39 11.72 2.25 -38.77
C GLN B 39 10.41 1.54 -38.44
N THR B 40 9.82 1.92 -37.32
CA THR B 40 8.48 1.46 -37.02
C THR B 40 7.79 2.51 -36.17
N GLY B 41 6.52 2.28 -35.86
CA GLY B 41 5.78 3.17 -34.98
C GLY B 41 6.25 3.00 -33.54
N SER B 42 6.24 1.76 -33.06
CA SER B 42 6.64 1.44 -31.70
C SER B 42 7.03 -0.03 -31.61
N THR B 43 8.21 -0.33 -31.10
CA THR B 43 8.59 -1.74 -30.97
C THR B 43 7.68 -2.46 -29.96
N ASN B 44 7.23 -1.75 -28.92
CA ASN B 44 6.29 -2.35 -27.97
C ASN B 44 4.97 -2.68 -28.66
N ALA B 45 4.45 -1.73 -29.43
CA ALA B 45 3.20 -1.97 -30.12
C ALA B 45 3.33 -3.17 -31.08
N ASP B 46 4.47 -3.26 -31.75
CA ASP B 46 4.70 -4.32 -32.72
C ASP B 46 4.68 -5.71 -32.07
N LEU B 47 5.33 -5.85 -30.91
CA LEU B 47 5.33 -7.15 -30.26
C LEU B 47 3.97 -7.47 -29.64
N LEU B 48 3.28 -6.44 -29.14
CA LEU B 48 1.92 -6.62 -28.64
C LEU B 48 1.01 -7.13 -29.77
N ALA B 49 1.19 -6.58 -30.96
CA ALA B 49 0.38 -6.97 -32.12
C ALA B 49 0.69 -8.39 -32.55
N ARG B 50 1.97 -8.77 -32.50
CA ARG B 50 2.34 -10.15 -32.80
C ARG B 50 1.64 -11.10 -31.84
N ALA B 51 1.65 -10.76 -30.56
CA ALA B 51 1.02 -11.62 -29.56
C ALA B 51 -0.47 -11.72 -29.83
N ALA B 52 -1.10 -10.59 -30.17
CA ALA B 52 -2.55 -10.58 -30.39
C ALA B 52 -2.93 -11.48 -31.55
N SER B 53 -2.05 -11.55 -32.55
CA SER B 53 -2.27 -12.38 -33.75
C SER B 53 -2.09 -13.86 -33.47
N GLY B 54 -1.57 -14.20 -32.30
CA GLY B 54 -1.44 -15.60 -31.92
C GLY B 54 -0.02 -16.12 -32.03
N ALA B 55 0.92 -15.23 -32.27
CA ALA B 55 2.33 -15.59 -32.33
C ALA B 55 2.92 -15.67 -30.93
N ASP B 56 3.78 -16.64 -30.68
CA ASP B 56 4.42 -16.69 -29.37
C ASP B 56 5.61 -15.76 -29.38
N ILE B 57 5.66 -14.80 -28.47
CA ILE B 57 6.74 -13.83 -28.47
C ILE B 57 7.72 -14.02 -27.31
N ASP B 58 7.59 -15.12 -26.58
CA ASP B 58 8.55 -15.38 -25.51
C ASP B 58 9.94 -15.55 -26.10
N GLY B 59 10.88 -14.75 -25.60
CA GLY B 59 12.27 -14.84 -26.03
C GLY B 59 12.55 -14.11 -27.33
N VAL B 60 11.60 -13.32 -27.80
CA VAL B 60 11.76 -12.61 -29.05
C VAL B 60 12.22 -11.17 -28.81
N VAL B 61 13.15 -10.70 -29.66
CA VAL B 61 13.75 -9.38 -29.55
C VAL B 61 13.49 -8.58 -30.82
N LEU B 62 13.02 -7.34 -30.65
CA LEU B 62 12.81 -6.41 -31.75
C LEU B 62 13.52 -5.11 -31.46
N ILE B 63 14.38 -4.68 -32.36
CA ILE B 63 15.12 -3.43 -32.22
C ILE B 63 14.79 -2.53 -33.40
N ALA B 64 14.57 -1.25 -33.14
CA ALA B 64 14.30 -0.28 -34.22
C ALA B 64 15.38 0.79 -34.24
N GLU B 65 15.83 1.17 -35.44
CA GLU B 65 16.76 2.28 -35.59
C GLU B 65 16.05 3.59 -35.32
N HIS B 66 14.79 3.62 -35.68
CA HIS B 66 13.97 4.80 -35.45
C HIS B 66 12.54 4.42 -35.17
N GLN B 67 11.87 5.27 -34.40
CA GLN B 67 10.55 4.96 -33.92
C GLN B 67 9.71 6.24 -34.03
N THR B 68 8.60 6.16 -34.76
CA THR B 68 7.84 7.35 -35.15
C THR B 68 6.61 7.62 -34.27
N ALA B 69 6.22 6.61 -33.48
CA ALA B 69 5.12 6.76 -32.53
C ALA B 69 5.50 6.09 -31.21
N GLY B 70 6.66 6.49 -30.68
CA GLY B 70 7.19 5.95 -29.44
C GLY B 70 6.23 6.13 -28.28
N ARG B 71 6.19 5.14 -27.40
CA ARG B 71 5.28 5.17 -26.25
C ARG B 71 6.04 5.34 -24.95
N GLY B 72 5.57 6.27 -24.13
CA GLY B 72 5.96 6.31 -22.74
C GLY B 72 4.82 5.76 -21.89
N ARG B 73 5.02 5.75 -20.58
CA ARG B 73 3.99 5.24 -19.69
C ARG B 73 2.80 6.19 -19.64
N HIS B 74 1.65 5.68 -19.23
CA HIS B 74 0.47 6.50 -18.99
C HIS B 74 0.04 7.24 -20.24
N GLY B 75 0.29 6.64 -21.41
CA GLY B 75 -0.13 7.24 -22.66
C GLY B 75 0.74 8.39 -23.13
N ARG B 76 1.87 8.58 -22.47
CA ARG B 76 2.83 9.61 -22.89
C ARG B 76 3.59 9.18 -24.14
N GLY B 77 4.39 10.09 -24.67
CA GLY B 77 5.22 9.78 -25.82
C GLY B 77 6.65 9.46 -25.44
N TRP B 78 7.38 8.91 -26.40
CA TRP B 78 8.82 8.73 -26.30
C TRP B 78 9.41 9.17 -27.63
N ALA B 79 10.41 10.04 -27.57
CA ALA B 79 10.99 10.62 -28.78
C ALA B 79 12.38 10.06 -29.07
N ALA B 80 12.72 9.96 -30.35
CA ALA B 80 14.04 9.51 -30.76
C ALA B 80 14.40 10.06 -32.11
N THR B 81 15.68 10.35 -32.31
CA THR B 81 16.18 10.59 -33.65
C THR B 81 16.81 9.27 -34.12
N ALA B 82 16.77 9.04 -35.42
CA ALA B 82 17.27 7.77 -35.97
C ALA B 82 18.71 7.48 -35.55
N ARG B 83 18.94 6.24 -35.11
CA ARG B 83 20.26 5.72 -34.76
C ARG B 83 20.90 6.35 -33.51
N ALA B 84 20.18 7.23 -32.82
CA ALA B 84 20.73 7.89 -31.63
C ALA B 84 20.48 7.10 -30.35
N GLN B 85 19.61 6.10 -30.44
CA GLN B 85 19.24 5.31 -29.25
C GLN B 85 19.37 3.82 -29.50
N ILE B 86 19.40 3.04 -28.42
CA ILE B 86 19.03 1.62 -28.52
C ILE B 86 17.56 1.55 -28.15
N ILE B 87 16.75 1.17 -29.14
CA ILE B 87 15.30 1.12 -29.01
C ILE B 87 14.86 -0.32 -29.14
N LEU B 88 14.52 -0.94 -28.02
CA LEU B 88 14.22 -2.36 -28.16
C LEU B 88 13.10 -2.84 -27.27
N SER B 89 12.45 -3.91 -27.73
CA SER B 89 11.45 -4.59 -26.93
C SER B 89 11.74 -6.07 -26.94
N VAL B 90 11.43 -6.70 -25.81
CA VAL B 90 11.52 -8.16 -25.72
C VAL B 90 10.21 -8.73 -25.19
N GLY B 91 9.91 -9.94 -25.61
CA GLY B 91 8.74 -10.65 -25.11
C GLY B 91 9.11 -11.64 -24.03
N VAL B 92 8.26 -11.69 -23.00
CA VAL B 92 8.41 -12.60 -21.87
C VAL B 92 7.09 -13.27 -21.52
N ARG B 93 7.05 -14.60 -21.55
CA ARG B 93 5.88 -15.32 -21.05
C ARG B 93 5.83 -15.17 -19.53
N VAL B 94 4.73 -14.64 -18.99
CA VAL B 94 4.65 -14.37 -17.55
C VAL B 94 3.57 -15.16 -16.82
N VAL B 95 2.78 -15.93 -17.53
CA VAL B 95 1.54 -16.47 -16.96
C VAL B 95 1.81 -17.46 -15.82
N ASP B 96 3.02 -18.00 -15.75
CA ASP B 96 3.34 -18.97 -14.71
C ASP B 96 3.99 -18.31 -13.49
N VAL B 97 4.06 -16.99 -13.51
CA VAL B 97 4.57 -16.20 -12.41
C VAL B 97 3.40 -15.43 -11.78
N PRO B 98 3.34 -15.37 -10.44
CA PRO B 98 2.23 -14.64 -9.81
C PRO B 98 2.06 -13.22 -10.36
N VAL B 99 0.81 -12.83 -10.61
CA VAL B 99 0.53 -11.55 -11.25
C VAL B 99 1.12 -10.35 -10.51
N GLN B 100 1.17 -10.39 -9.18
CA GLN B 100 1.75 -9.27 -8.42
C GLN B 100 3.17 -8.98 -8.89
N ALA B 101 3.91 -10.06 -9.16
CA ALA B 101 5.31 -9.91 -9.50
C ALA B 101 5.52 -9.21 -10.85
N TRP B 102 4.50 -9.14 -11.69
CA TRP B 102 4.70 -8.60 -13.04
C TRP B 102 5.16 -7.14 -12.98
N GLY B 103 4.81 -6.47 -11.89
CA GLY B 103 5.23 -5.08 -11.73
C GLY B 103 6.72 -4.90 -11.49
N TRP B 104 7.44 -6.00 -11.31
CA TRP B 104 8.88 -5.94 -11.08
C TRP B 104 9.72 -6.07 -12.36
N LEU B 105 9.09 -6.46 -13.48
CA LEU B 105 9.85 -6.59 -14.72
C LEU B 105 10.45 -5.27 -15.21
N SER B 106 9.68 -4.20 -15.13
CA SER B 106 10.17 -2.89 -15.54
C SER B 106 11.37 -2.50 -14.67
N LEU B 107 11.25 -2.78 -13.38
CA LEU B 107 12.31 -2.46 -12.41
C LEU B 107 13.57 -3.26 -12.71
N ALA B 108 13.39 -4.54 -13.00
CA ALA B 108 14.51 -5.40 -13.37
C ALA B 108 15.21 -4.92 -14.64
N ALA B 109 14.44 -4.48 -15.62
CA ALA B 109 15.00 -3.98 -16.87
C ALA B 109 15.83 -2.71 -16.66
N GLY B 110 15.37 -1.82 -15.78
CA GLY B 110 16.13 -0.61 -15.49
C GLY B 110 17.47 -0.99 -14.90
N LEU B 111 17.45 -1.94 -13.98
CA LEU B 111 18.66 -2.45 -13.37
C LEU B 111 19.62 -3.04 -14.42
N ALA B 112 19.08 -3.81 -15.37
CA ALA B 112 19.89 -4.32 -16.48
C ALA B 112 20.54 -3.21 -17.32
N VAL B 113 19.78 -2.16 -17.61
CA VAL B 113 20.32 -1.06 -18.39
C VAL B 113 21.48 -0.42 -17.65
N LEU B 114 21.27 -0.15 -16.37
CA LEU B 114 22.27 0.54 -15.56
C LEU B 114 23.52 -0.30 -15.48
N ASP B 115 23.36 -1.60 -15.21
CA ASP B 115 24.52 -2.47 -15.11
C ASP B 115 25.25 -2.61 -16.43
N SER B 116 24.54 -2.46 -17.54
CA SER B 116 25.12 -2.57 -18.87
C SER B 116 25.99 -1.38 -19.24
N VAL B 117 25.64 -0.20 -18.74
CA VAL B 117 26.36 1.01 -19.10
C VAL B 117 27.31 1.51 -18.02
N ALA B 118 27.06 1.09 -16.77
CA ALA B 118 27.86 1.55 -15.64
C ALA B 118 29.38 1.48 -15.90
N PRO B 119 29.88 0.35 -16.43
CA PRO B 119 31.33 0.28 -16.69
C PRO B 119 31.84 1.17 -17.83
N LEU B 120 30.96 1.84 -18.57
CA LEU B 120 31.37 2.68 -19.68
C LEU B 120 31.54 4.15 -19.30
N ILE B 121 30.81 4.58 -18.28
CA ILE B 121 30.76 6.00 -17.96
C ILE B 121 31.71 6.36 -16.81
N ALA B 122 32.23 7.58 -16.85
CA ALA B 122 33.26 8.00 -15.89
C ALA B 122 32.66 8.73 -14.69
N VAL B 123 31.34 8.82 -14.65
CA VAL B 123 30.63 9.44 -13.54
C VAL B 123 30.72 8.57 -12.29
N PRO B 124 30.88 9.22 -11.11
CA PRO B 124 30.82 8.49 -9.83
C PRO B 124 29.54 7.67 -9.69
N PRO B 125 29.67 6.38 -9.37
CA PRO B 125 28.53 5.46 -9.26
C PRO B 125 27.38 6.02 -8.43
N ALA B 126 27.70 6.77 -7.38
CA ALA B 126 26.68 7.33 -6.50
C ALA B 126 25.82 8.41 -7.16
N GLU B 127 26.27 8.94 -8.30
CA GLU B 127 25.51 9.94 -9.04
C GLU B 127 24.63 9.32 -10.12
N THR B 128 24.63 8.00 -10.18
CA THR B 128 23.86 7.29 -11.18
C THR B 128 22.93 6.35 -10.47
N GLY B 129 21.84 5.96 -11.11
CA GLY B 129 20.99 4.97 -10.49
C GLY B 129 19.60 4.93 -11.09
N LEU B 130 18.68 4.34 -10.32
CA LEU B 130 17.34 4.10 -10.80
C LEU B 130 16.34 5.01 -10.11
N LYS B 131 15.51 5.68 -10.89
CA LYS B 131 14.43 6.47 -10.32
C LYS B 131 13.09 5.78 -10.62
N TRP B 132 12.40 5.39 -9.56
CA TRP B 132 11.13 4.66 -9.65
C TRP B 132 10.04 5.51 -10.31
N PRO B 133 9.23 4.92 -11.21
CA PRO B 133 9.21 3.50 -11.61
C PRO B 133 9.83 3.22 -12.97
N ASN B 134 10.22 4.24 -13.73
CA ASN B 134 10.51 4.03 -15.15
C ASN B 134 11.87 4.49 -15.64
N ASP B 135 12.70 5.06 -14.77
CA ASP B 135 13.87 5.84 -15.22
C ASP B 135 15.21 5.25 -14.85
N VAL B 136 16.18 5.42 -15.74
CA VAL B 136 17.60 5.27 -15.40
C VAL B 136 18.22 6.66 -15.49
N LEU B 137 18.84 7.11 -14.41
CA LEU B 137 19.43 8.45 -14.35
C LEU B 137 20.95 8.41 -14.26
N ALA B 138 21.56 9.46 -14.80
CA ALA B 138 22.96 9.71 -14.56
C ALA B 138 23.20 11.22 -14.52
N ARG B 139 23.83 11.70 -13.45
CA ARG B 139 24.00 13.13 -13.21
C ARG B 139 22.67 13.85 -13.27
N GLY B 140 21.64 13.21 -12.70
CA GLY B 140 20.30 13.77 -12.63
C GLY B 140 19.53 13.77 -13.93
N GLY B 141 20.16 13.33 -15.01
CA GLY B 141 19.50 13.35 -16.31
C GLY B 141 18.95 11.98 -16.69
N LYS B 142 17.91 11.95 -17.50
CA LYS B 142 17.29 10.68 -17.86
C LYS B 142 18.02 10.03 -19.02
N LEU B 143 18.69 8.93 -18.70
CA LEU B 143 19.53 8.18 -19.63
C LEU B 143 18.71 7.13 -20.39
N ALA B 144 17.69 6.60 -19.73
CA ALA B 144 16.84 5.60 -20.37
C ALA B 144 15.44 5.58 -19.75
N GLY B 145 14.46 5.23 -20.57
CA GLY B 145 13.09 4.99 -20.11
C GLY B 145 12.68 3.55 -20.34
N ILE B 146 11.90 3.00 -19.41
CA ILE B 146 11.49 1.59 -19.44
C ILE B 146 9.98 1.49 -19.44
N LEU B 147 9.41 0.63 -20.29
CA LEU B 147 7.96 0.46 -20.33
C LEU B 147 7.56 -1.00 -20.50
N ALA B 148 6.84 -1.54 -19.52
CA ALA B 148 6.34 -2.91 -19.56
C ALA B 148 4.85 -2.89 -19.84
N GLU B 149 4.42 -3.61 -20.88
CA GLU B 149 3.00 -3.66 -21.24
C GLU B 149 2.52 -5.09 -21.29
N VAL B 150 1.31 -5.32 -20.80
CA VAL B 150 0.78 -6.67 -20.62
C VAL B 150 -0.04 -7.11 -21.83
N ALA B 151 0.20 -8.33 -22.27
CA ALA B 151 -0.65 -8.98 -23.27
C ALA B 151 -0.63 -10.46 -22.95
N GLN B 152 -1.44 -10.86 -22.00
CA GLN B 152 -1.40 -12.22 -21.46
C GLN B 152 -1.47 -13.21 -22.60
N PRO B 153 -0.60 -14.26 -22.58
CA PRO B 153 0.26 -14.68 -21.48
C PRO B 153 1.63 -13.99 -21.39
N PHE B 154 1.80 -12.88 -22.09
CA PHE B 154 3.10 -12.21 -22.15
C PHE B 154 3.15 -10.84 -21.50
N VAL B 155 4.36 -10.42 -21.19
CA VAL B 155 4.66 -8.99 -21.02
C VAL B 155 5.63 -8.59 -22.12
N VAL B 156 5.42 -7.39 -22.68
CA VAL B 156 6.32 -6.80 -23.63
C VAL B 156 7.11 -5.73 -22.90
N LEU B 157 8.43 -5.89 -22.90
CA LEU B 157 9.29 -5.07 -22.08
C LEU B 157 10.16 -4.21 -22.97
N GLY B 158 9.99 -2.90 -22.89
CA GLY B 158 10.66 -2.01 -23.82
C GLY B 158 11.65 -1.07 -23.16
N VAL B 159 12.75 -0.82 -23.86
CA VAL B 159 13.83 0.01 -23.37
C VAL B 159 14.20 1.06 -24.40
N GLY B 160 14.25 2.33 -23.96
CA GLY B 160 14.72 3.40 -24.81
C GLY B 160 15.96 3.94 -24.13
N LEU B 161 17.12 3.66 -24.70
CA LEU B 161 18.39 4.05 -24.10
C LEU B 161 19.09 5.11 -24.95
N ASN B 162 19.37 6.27 -24.36
CA ASN B 162 19.98 7.39 -25.09
C ASN B 162 21.46 7.18 -25.25
N VAL B 163 21.89 6.93 -26.48
CA VAL B 163 23.29 6.60 -26.71
C VAL B 163 24.07 7.82 -27.18
N THR B 164 23.64 8.41 -28.30
CA THR B 164 24.20 9.70 -28.73
C THR B 164 23.11 10.77 -28.83
N GLN B 165 21.94 10.46 -28.28
CA GLN B 165 20.77 11.33 -28.34
C GLN B 165 21.00 12.69 -27.67
N ALA B 166 20.86 13.76 -28.45
CA ALA B 166 20.97 15.11 -27.89
C ALA B 166 19.69 15.46 -27.13
N PRO B 167 19.82 15.93 -25.88
CA PRO B 167 18.66 16.32 -25.06
C PRO B 167 17.77 17.30 -25.81
N GLU B 168 18.39 18.22 -26.54
CA GLU B 168 17.66 19.24 -27.30
C GLU B 168 16.58 18.66 -28.22
N GLU B 169 16.83 17.45 -28.72
CA GLU B 169 15.91 16.82 -29.67
C GLU B 169 14.78 16.03 -29.02
N VAL B 170 14.84 15.80 -27.71
CA VAL B 170 13.85 14.92 -27.09
C VAL B 170 13.19 15.46 -25.81
N ASP B 171 13.98 15.99 -24.89
CA ASP B 171 13.47 16.45 -23.60
C ASP B 171 14.58 17.14 -22.83
N PRO B 172 14.25 18.27 -22.16
CA PRO B 172 15.29 19.04 -21.45
C PRO B 172 15.97 18.27 -20.32
N ASP B 173 15.32 17.25 -19.76
CA ASP B 173 15.86 16.50 -18.64
C ASP B 173 16.62 15.25 -19.10
N ALA B 174 16.74 15.05 -20.40
CA ALA B 174 17.40 13.86 -20.92
C ALA B 174 18.91 13.97 -20.86
N THR B 175 19.57 12.83 -20.93
CA THR B 175 21.01 12.80 -21.15
C THR B 175 21.33 11.58 -22.01
N SER B 176 22.60 11.43 -22.38
CA SER B 176 23.02 10.31 -23.23
C SER B 176 24.41 9.84 -22.83
N LEU B 177 24.81 8.66 -23.31
CA LEU B 177 26.14 8.15 -23.02
C LEU B 177 27.20 9.11 -23.55
N LEU B 178 26.96 9.66 -24.73
CA LEU B 178 27.88 10.63 -25.34
C LEU B 178 27.99 11.87 -24.47
N ASP B 179 26.85 12.42 -24.07
CA ASP B 179 26.84 13.60 -23.21
C ASP B 179 27.44 13.31 -21.83
N LEU B 180 27.51 12.03 -21.47
CA LEU B 180 28.14 11.63 -20.20
C LEU B 180 29.62 11.37 -20.35
N GLY B 181 30.15 11.57 -21.56
CA GLY B 181 31.58 11.44 -21.77
C GLY B 181 32.06 10.25 -22.56
N VAL B 182 31.19 9.28 -22.82
CA VAL B 182 31.58 8.13 -23.64
C VAL B 182 31.84 8.60 -25.06
N ALA B 183 33.11 8.57 -25.44
CA ALA B 183 33.57 9.21 -26.66
C ALA B 183 32.89 8.71 -27.94
N ALA B 184 32.96 7.42 -28.17
CA ALA B 184 32.33 6.85 -29.35
C ALA B 184 31.65 5.57 -28.93
N PRO B 185 30.40 5.71 -28.45
CA PRO B 185 29.66 4.56 -27.96
C PRO B 185 29.40 3.57 -29.08
N ASP B 186 29.59 2.30 -28.76
CA ASP B 186 29.42 1.22 -29.71
C ASP B 186 28.07 0.56 -29.46
N ARG B 187 27.05 0.91 -30.24
CA ARG B 187 25.71 0.44 -29.97
C ARG B 187 25.57 -1.07 -30.14
N ASN B 188 26.34 -1.66 -31.05
CA ASN B 188 26.21 -3.12 -31.19
C ASN B 188 26.72 -3.80 -29.94
N ARG B 189 27.86 -3.35 -29.42
CA ARG B 189 28.40 -3.89 -28.19
C ARG B 189 27.48 -3.62 -27.01
N ILE B 190 26.90 -2.42 -26.94
CA ILE B 190 26.05 -2.05 -25.82
C ILE B 190 24.76 -2.84 -25.84
N ALA B 191 24.19 -3.00 -27.04
CA ALA B 191 22.96 -3.78 -27.19
C ALA B 191 23.17 -5.24 -26.76
N SER B 192 24.31 -5.79 -27.15
CA SER B 192 24.62 -7.17 -26.84
CA SER B 192 24.64 -7.18 -26.83
C SER B 192 24.74 -7.36 -25.33
N ARG B 193 25.44 -6.45 -24.67
CA ARG B 193 25.57 -6.51 -23.23
C ARG B 193 24.20 -6.34 -22.57
N LEU B 194 23.42 -5.39 -23.07
CA LEU B 194 22.09 -5.15 -22.52
C LEU B 194 21.22 -6.40 -22.58
N LEU B 195 21.22 -7.07 -23.73
CA LEU B 195 20.39 -8.27 -23.87
C LEU B 195 20.87 -9.41 -22.97
N ARG B 196 22.18 -9.51 -22.75
CA ARG B 196 22.65 -10.52 -21.78
C ARG B 196 22.24 -10.14 -20.35
N GLU B 197 22.35 -8.86 -19.98
CA GLU B 197 21.94 -8.43 -18.66
C GLU B 197 20.43 -8.61 -18.46
N LEU B 198 19.66 -8.29 -19.49
CA LEU B 198 18.21 -8.45 -19.42
C LEU B 198 17.85 -9.91 -19.17
N GLU B 199 18.49 -10.81 -19.90
CA GLU B 199 18.24 -12.23 -19.67
C GLU B 199 18.51 -12.63 -18.22
N ALA B 200 19.66 -12.21 -17.70
CA ALA B 200 20.05 -12.59 -16.34
C ALA B 200 19.02 -12.08 -15.30
N ARG B 201 18.56 -10.85 -15.47
CA ARG B 201 17.62 -10.29 -14.51
C ARG B 201 16.23 -10.92 -14.64
N ILE B 202 15.82 -11.26 -15.87
CA ILE B 202 14.53 -11.90 -16.10
C ILE B 202 14.51 -13.31 -15.46
N ILE B 203 15.63 -14.02 -15.55
CA ILE B 203 15.74 -15.30 -14.87
C ILE B 203 15.63 -15.14 -13.34
N GLN B 204 16.30 -14.16 -12.76
CA GLN B 204 16.15 -13.90 -11.33
C GLN B 204 14.70 -13.59 -11.00
N TRP B 205 14.07 -12.80 -11.86
CA TRP B 205 12.69 -12.39 -11.63
C TRP B 205 11.77 -13.61 -11.62
N ARG B 206 11.92 -14.50 -12.60
CA ARG B 206 10.93 -15.57 -12.71
C ARG B 206 11.16 -16.65 -11.65
N ASN B 207 12.35 -16.63 -11.05
CA ASN B 207 12.67 -17.49 -9.93
C ASN B 207 12.30 -16.91 -8.58
N ALA B 208 11.80 -15.67 -8.58
CA ALA B 208 11.48 -14.95 -7.35
C ALA B 208 12.70 -14.89 -6.45
N ASN B 209 13.85 -14.66 -7.09
CA ASN B 209 15.11 -14.50 -6.39
C ASN B 209 15.11 -13.15 -5.67
N PRO B 210 15.16 -13.17 -4.32
CA PRO B 210 14.99 -11.93 -3.53
C PRO B 210 16.16 -10.98 -3.68
N GLN B 211 17.22 -11.47 -4.32
CA GLN B 211 18.42 -10.69 -4.59
C GLN B 211 18.15 -9.63 -5.65
N LEU B 212 17.18 -9.89 -6.52
CA LEU B 212 16.81 -8.92 -7.54
C LEU B 212 16.37 -7.62 -6.90
N ALA B 213 15.44 -7.72 -5.94
CA ALA B 213 14.91 -6.54 -5.28
C ALA B 213 16.01 -5.87 -4.48
N ALA B 214 16.87 -6.67 -3.88
CA ALA B 214 17.98 -6.12 -3.09
C ALA B 214 18.93 -5.31 -3.97
N ASP B 215 19.27 -5.86 -5.13
CA ASP B 215 20.13 -5.16 -6.08
C ASP B 215 19.45 -3.89 -6.59
N TYR B 216 18.14 -3.96 -6.85
CA TYR B 216 17.42 -2.76 -7.25
C TYR B 216 17.51 -1.67 -6.19
N ARG B 217 17.24 -2.04 -4.93
CA ARG B 217 17.21 -1.03 -3.88
C ARG B 217 18.60 -0.43 -3.66
N ALA B 218 19.63 -1.26 -3.84
CA ALA B 218 21.00 -0.80 -3.70
C ALA B 218 21.41 0.23 -4.76
N ARG B 219 20.75 0.23 -5.92
CA ARG B 219 21.08 1.22 -6.96
C ARG B 219 19.95 2.22 -7.20
N SER B 220 18.95 2.20 -6.31
CA SER B 220 17.84 3.13 -6.36
C SER B 220 18.22 4.53 -5.88
N LEU B 221 17.87 5.54 -6.66
CA LEU B 221 18.09 6.90 -6.20
C LEU B 221 16.87 7.42 -5.46
N THR B 222 15.77 6.67 -5.57
CA THR B 222 14.51 7.02 -4.91
C THR B 222 14.49 6.53 -3.45
N ILE B 223 14.87 5.27 -3.25
CA ILE B 223 14.91 4.73 -1.89
C ILE B 223 15.86 5.54 -0.99
N GLY B 224 15.35 5.95 0.17
CA GLY B 224 16.13 6.74 1.10
C GLY B 224 16.02 8.22 0.84
N SER B 225 15.32 8.62 -0.22
CA SER B 225 15.13 10.03 -0.51
CA SER B 225 15.11 10.03 -0.52
C SER B 225 13.80 10.52 0.03
N ARG B 226 13.74 11.80 0.39
CA ARG B 226 12.45 12.42 0.64
C ARG B 226 11.89 12.72 -0.74
N VAL B 227 10.67 12.28 -1.00
CA VAL B 227 10.12 12.42 -2.33
C VAL B 227 8.71 12.97 -2.28
N ARG B 228 8.38 13.60 -3.39
CA ARG B 228 7.08 14.19 -3.60
C ARG B 228 6.40 13.36 -4.68
N VAL B 229 5.27 12.76 -4.34
CA VAL B 229 4.58 11.89 -5.26
C VAL B 229 3.46 12.64 -5.92
N GLU B 230 3.44 12.63 -7.25
CA GLU B 230 2.53 13.49 -7.98
C GLU B 230 1.22 12.80 -8.37
N LEU B 231 0.14 13.24 -7.73
CA LEU B 231 -1.19 12.67 -7.85
C LEU B 231 -2.09 13.59 -8.66
N PRO B 232 -3.17 13.05 -9.25
CA PRO B 232 -4.21 13.85 -9.88
C PRO B 232 -5.00 14.70 -8.89
N GLY B 233 -5.47 15.87 -9.33
CA GLY B 233 -6.32 16.70 -8.50
C GLY B 233 -5.60 17.81 -7.76
N GLY B 234 -4.38 18.12 -8.18
CA GLY B 234 -3.59 19.15 -7.52
C GLY B 234 -3.15 18.55 -6.20
N GLN B 235 -2.94 17.25 -6.23
CA GLN B 235 -2.72 16.51 -5.02
C GLN B 235 -1.36 15.89 -5.01
N ASP B 236 -0.61 16.14 -3.96
CA ASP B 236 0.67 15.49 -3.85
C ASP B 236 0.89 15.04 -2.41
N VAL B 237 1.63 13.94 -2.25
CA VAL B 237 2.02 13.44 -0.93
C VAL B 237 3.55 13.40 -0.82
N VAL B 238 4.06 13.84 0.33
CA VAL B 238 5.50 13.83 0.57
C VAL B 238 5.88 12.85 1.67
N GLY B 239 6.94 12.09 1.46
CA GLY B 239 7.45 11.20 2.49
C GLY B 239 8.81 10.65 2.13
N ILE B 240 9.37 9.81 2.99
CA ILE B 240 10.65 9.17 2.70
C ILE B 240 10.40 7.84 2.01
N ALA B 241 10.98 7.65 0.82
CA ALA B 241 10.80 6.35 0.17
C ALA B 241 11.62 5.30 0.90
N ARG B 242 10.95 4.25 1.38
CA ARG B 242 11.60 3.24 2.21
C ARG B 242 11.70 1.84 1.59
N ASP B 243 10.78 1.52 0.68
CA ASP B 243 10.76 0.19 0.10
C ASP B 243 9.99 0.15 -1.21
N ILE B 244 10.12 -0.98 -1.90
CA ILE B 244 9.31 -1.31 -3.08
C ILE B 244 8.62 -2.62 -2.73
N ASP B 245 7.30 -2.70 -2.84
CA ASP B 245 6.61 -3.90 -2.38
C ASP B 245 6.60 -5.00 -3.44
N ASP B 246 5.89 -6.08 -3.14
CA ASP B 246 5.89 -7.25 -4.00
C ASP B 246 5.19 -6.98 -5.34
N GLN B 247 4.40 -5.92 -5.41
CA GLN B 247 3.75 -5.53 -6.66
C GLN B 247 4.59 -4.50 -7.43
N GLY B 248 5.76 -4.16 -6.90
CA GLY B 248 6.58 -3.14 -7.51
C GLY B 248 6.15 -1.72 -7.18
N ARG B 249 5.35 -1.57 -6.13
CA ARG B 249 4.81 -0.25 -5.75
C ARG B 249 5.71 0.44 -4.74
N LEU B 250 5.71 1.77 -4.73
CA LEU B 250 6.57 2.53 -3.83
C LEU B 250 6.00 2.70 -2.43
N CYS B 251 6.78 2.31 -1.42
CA CYS B 251 6.38 2.42 -0.03
C CYS B 251 7.02 3.65 0.62
N LEU B 252 6.17 4.59 1.03
CA LEU B 252 6.64 5.83 1.65
C LEU B 252 6.37 5.86 3.14
N ASP B 253 7.30 6.43 3.88
CA ASP B 253 7.06 6.77 5.27
C ASP B 253 6.51 8.19 5.28
N VAL B 254 5.25 8.32 5.68
CA VAL B 254 4.61 9.62 5.75
C VAL B 254 4.19 9.85 7.19
N GLY B 255 4.86 10.77 7.86
CA GLY B 255 4.53 11.07 9.24
C GLY B 255 4.59 9.87 10.16
N GLY B 256 5.43 8.89 9.82
CA GLY B 256 5.66 7.76 10.69
C GLY B 256 4.90 6.49 10.31
N ARG B 257 4.03 6.61 9.32
CA ARG B 257 3.22 5.45 8.88
C ARG B 257 3.37 5.22 7.38
N THR B 258 3.07 4.00 6.91
CA THR B 258 3.30 3.66 5.51
C THR B 258 2.17 4.09 4.57
N VAL B 259 2.54 4.70 3.46
CA VAL B 259 1.64 4.98 2.37
C VAL B 259 2.25 4.31 1.15
N VAL B 260 1.45 3.52 0.43
CA VAL B 260 1.94 2.83 -0.78
C VAL B 260 1.30 3.47 -2.00
N VAL B 261 2.11 3.73 -3.02
CA VAL B 261 1.55 4.33 -4.22
C VAL B 261 1.84 3.48 -5.45
N SER B 262 0.84 3.38 -6.31
CA SER B 262 1.01 2.69 -7.57
C SER B 262 1.77 3.60 -8.53
N ALA B 263 2.26 3.01 -9.60
CA ALA B 263 3.15 3.69 -10.53
C ALA B 263 2.63 5.03 -11.03
N GLY B 264 3.48 6.04 -10.91
CA GLY B 264 3.22 7.38 -11.40
C GLY B 264 4.46 8.22 -11.12
N ASP B 265 4.42 9.50 -11.44
CA ASP B 265 5.61 10.34 -11.29
C ASP B 265 6.02 10.54 -9.85
N VAL B 266 7.35 10.60 -9.66
CA VAL B 266 7.97 10.92 -8.38
C VAL B 266 8.97 12.07 -8.56
N VAL B 267 9.05 12.97 -7.59
CA VAL B 267 10.08 14.01 -7.60
C VAL B 267 10.98 13.84 -6.39
N HIS B 268 12.29 13.74 -6.61
CA HIS B 268 13.23 13.62 -5.50
C HIS B 268 13.45 14.99 -4.91
N LEU B 269 13.16 15.15 -3.62
CA LEU B 269 13.36 16.46 -2.99
C LEU B 269 14.78 16.55 -2.49
N ARG B 270 15.67 16.62 -3.46
CA ARG B 270 17.12 16.38 -3.36
C ARG B 270 17.75 16.17 -1.98
C4 44O C . -15.47 11.59 20.94
C5 44O C . -15.78 11.26 22.25
C6 44O C . -16.93 10.55 22.51
C8 44O C . -13.89 12.37 22.22
N1 44O C . -17.71 10.18 21.49
N3 44O C . -16.29 11.21 19.93
CBI 44O C . -10.00 3.61 24.81
NAU 44O C . -9.16 4.75 25.17
CBA 44O C . -8.81 4.70 26.46
OAC 44O C . -8.18 5.58 27.04
NAT 44O C . -9.27 3.58 27.04
CBF 44O C . -10.10 2.83 26.12
CAO 44O C . -11.54 2.83 26.64
SAY 44O C . -12.33 4.20 25.84
CBH 44O C . -11.42 4.00 24.34
CAK 44O C . -11.47 5.24 23.46
CAI 44O C . -10.81 5.00 22.09
CAH 44O C . -11.08 6.16 21.12
CAJ 44O C . -10.39 5.91 19.78
CAZ 44O C . -10.78 7.00 18.78
OAB 44O C . -11.94 7.14 18.46
NAV 44O C . -9.76 7.71 18.33
SBK 44O C . -9.97 8.90 17.27
OAD 44O C . -10.67 8.39 16.13
OAE 44O C . -8.70 9.40 16.84
OAW 44O C . -10.89 9.95 17.83
CAN 44O C . -10.54 10.79 18.92
CBE 44O C . -11.52 11.94 18.74
OAX 44O C . -12.62 11.73 19.62
CAL 44O C . -10.80 13.24 19.04
NAS 44O C . -11.81 14.28 19.11
CAM 44O C . -12.93 14.13 20.02
CBG 44O C . -13.60 12.77 19.79
N9 44O C . -14.33 12.28 20.96
N7 44O C . -14.79 11.77 23.03
C2 44O C . -17.40 10.51 20.22
N6 44O C . -17.27 10.17 23.78
C1 EDO D . -28.44 1.02 6.56
O1 EDO D . -27.99 0.50 7.81
C2 EDO D . -28.48 2.55 6.60
O2 EDO D . -27.16 3.10 6.74
S DMS E . -3.84 12.01 12.26
O DMS E . -3.93 10.86 11.29
C1 DMS E . -2.13 12.24 12.82
C2 DMS E . -4.13 13.59 11.41
C4 44O F . 12.36 11.41 -22.98
C5 44O F . 12.81 11.00 -24.21
C6 44O F . 14.12 10.58 -24.35
C8 44O F . 10.70 11.53 -24.40
N1 44O F . 14.94 10.61 -23.27
N3 44O F . 13.20 11.45 -21.93
CBI 44O F . 9.51 1.64 -25.38
NAU 44O F . 8.40 2.42 -25.92
CBA 44O F . 8.11 2.08 -27.17
OAC 44O F . 7.29 2.65 -27.88
NAT 44O F . 8.86 1.05 -27.56
CBF 44O F . 9.84 0.70 -26.53
CAO 44O F . 11.23 0.97 -27.09
SAY 44O F . 11.57 2.65 -26.60
CBH 44O F . 10.74 2.50 -25.05
CAK 44O F . 10.42 3.83 -24.38
CAI 44O F . 9.79 3.65 -22.98
CAH 44O F . 9.74 4.97 -22.21
CAJ 44O F . 9.00 4.82 -20.89
CAZ 44O F . 9.07 6.10 -20.08
OAB 44O F . 10.15 6.59 -19.81
NAV 44O F . 7.89 6.58 -19.70
SBK 44O F . 7.79 7.92 -18.81
OAD 44O F . 8.49 7.74 -17.57
OAE 44O F . 6.42 8.20 -18.59
OAW 44O F . 8.53 9.05 -19.55
CAN 44O F . 7.82 9.69 -20.61
CBE 44O F . 8.44 11.06 -20.81
OAX 44O F . 9.54 10.94 -21.73
CAL 44O F . 7.37 12.02 -21.33
NAS 44O F . 8.04 13.26 -21.68
CAM 44O F . 9.16 13.19 -22.61
CBG 44O F . 10.17 12.20 -22.07
N9 44O F . 11.08 11.77 -23.13
N7 44O F . 11.78 11.06 -25.06
C2 44O F . 14.48 11.05 -22.08
N6 44O F . 14.57 10.15 -25.56
S DMS G . 16.06 11.36 3.68
O DMS G . 17.14 11.60 2.65
C1 DMS G . 16.61 10.15 4.89
C2 DMS G . 15.96 12.82 4.74
#